data_8B69
#
_entry.id   8B69
#
_cell.length_a   77.843
_cell.length_b   77.843
_cell.length_c   163.728
_cell.angle_alpha   90.000
_cell.angle_beta   90.000
_cell.angle_gamma   120.000
#
_symmetry.space_group_name_H-M   'P 32 2 1'
#
loop_
_entity.id
_entity.type
_entity.pdbx_description
1 polymer 'Ral guanine nucleotide dissociation stimulator-like 2'
2 polymer 'Isoform 2B of GTPase KRas'
3 non-polymer 'MAGNESIUM ION'
4 non-polymer 'PHOSPHOAMINOPHOSPHONIC ACID-GUANYLATE ESTER'
#
loop_
_entity_poly.entity_id
_entity_poly.type
_entity_poly.pdbx_seq_one_letter_code
_entity_poly.pdbx_strand_id
1 'polypeptide(L)'
;SMGPGASDCRIIRVQMELGEDGSVYKSILVTSQDKAPSVISRVLKKNNRDSAVASEYELVQLLPGERELTIPASANVFYA
MDGASHDFLLRQRRRSSTAT
;
A,C
2 'polypeptide(L)'
;SMTEYKLVVVGAVGVGKSALTIQLIQNHFVDEYDPTIEDSYRKQVVIDGETCLLDILDTAGQEEYSAMRDQYMRTGEGFL
CVFAINNTKSFEDIHHYREQIKRVKDSEDVPMVLVGNKCDLPSRTVDTKQAQDLARSYGIPFIETSAKTRQGVDDAFYTL
VREIRKHKEK
;
B,D
#
loop_
_chem_comp.id
_chem_comp.type
_chem_comp.name
_chem_comp.formula
GNP non-polymer 'PHOSPHOAMINOPHOSPHONIC ACID-GUANYLATE ESTER' 'C10 H17 N6 O13 P3'
MG non-polymer 'MAGNESIUM ION' 'Mg 2'
#
# COMPACT_ATOMS: atom_id res chain seq x y z
N MET A 2 -18.06 -17.00 20.68
CA MET A 2 -18.23 -18.43 21.06
C MET A 2 -17.36 -19.32 20.17
N GLY A 3 -16.18 -18.80 19.81
CA GLY A 3 -15.24 -19.47 18.93
C GLY A 3 -14.60 -18.48 17.95
N PRO A 4 -13.26 -18.55 17.74
CA PRO A 4 -12.55 -17.59 16.89
C PRO A 4 -12.85 -17.80 15.41
N GLY A 5 -12.99 -16.69 14.68
CA GLY A 5 -13.12 -16.74 13.23
C GLY A 5 -11.77 -17.05 12.58
N ALA A 6 -11.81 -17.64 11.38
CA ALA A 6 -10.61 -17.91 10.61
C ALA A 6 -9.91 -16.58 10.28
N SER A 7 -8.57 -16.62 10.19
CA SER A 7 -7.77 -15.45 9.87
C SER A 7 -7.61 -15.32 8.37
N ASP A 8 -7.55 -14.07 7.89
CA ASP A 8 -7.46 -13.79 6.47
C ASP A 8 -6.02 -13.94 6.00
N CYS A 9 -5.08 -13.31 6.74
CA CYS A 9 -3.69 -13.21 6.31
C CYS A 9 -2.74 -13.46 7.47
N ARG A 10 -1.48 -13.76 7.13
CA ARG A 10 -0.39 -13.80 8.08
C ARG A 10 0.80 -13.04 7.50
N ILE A 11 1.59 -12.40 8.38
CA ILE A 11 2.83 -11.79 7.95
C ILE A 11 3.96 -12.78 8.22
N ILE A 12 4.75 -13.04 7.18
CA ILE A 12 5.93 -13.89 7.28
C ILE A 12 7.14 -13.10 6.82
N ARG A 13 8.32 -13.53 7.26
CA ARG A 13 9.59 -12.96 6.85
C ARG A 13 10.34 -13.97 5.99
N VAL A 14 10.81 -13.52 4.82
CA VAL A 14 11.49 -14.36 3.85
C VAL A 14 12.85 -13.74 3.56
N GLN A 15 13.88 -14.58 3.59
CA GLN A 15 15.28 -14.20 3.39
C GLN A 15 15.70 -14.67 1.99
N LEU A 18 20.35 -16.78 -1.51
CA LEU A 18 20.98 -16.77 -2.87
C LEU A 18 21.29 -15.33 -3.28
N GLY A 19 22.50 -15.14 -3.82
CA GLY A 19 22.95 -13.85 -4.29
C GLY A 19 23.47 -12.97 -3.14
N GLU A 20 23.85 -11.73 -3.48
CA GLU A 20 24.21 -10.73 -2.49
C GLU A 20 22.97 -10.47 -1.63
N ASP A 21 23.09 -10.79 -0.34
CA ASP A 21 22.01 -10.65 0.62
C ASP A 21 22.11 -9.29 1.29
N GLY A 22 22.06 -8.23 0.47
CA GLY A 22 21.93 -6.85 0.94
C GLY A 22 20.82 -6.77 1.99
N SER A 23 19.66 -7.35 1.66
CA SER A 23 18.56 -7.50 2.59
C SER A 23 18.70 -8.78 3.39
N VAL A 24 18.36 -8.69 4.69
CA VAL A 24 18.29 -9.86 5.54
C VAL A 24 16.96 -10.58 5.25
N TYR A 25 15.86 -9.84 5.42
CA TYR A 25 14.54 -10.41 5.21
C TYR A 25 13.57 -9.32 4.76
N LYS A 26 12.46 -9.75 4.19
CA LYS A 26 11.36 -8.87 3.83
C LYS A 26 10.08 -9.45 4.42
N SER A 27 9.30 -8.61 5.12
CA SER A 27 7.99 -8.99 5.60
C SER A 27 7.02 -9.12 4.42
N ILE A 28 6.29 -10.24 4.41
CA ILE A 28 5.43 -10.60 3.29
C ILE A 28 4.09 -11.06 3.84
N LEU A 29 3.01 -10.64 3.16
CA LEU A 29 1.65 -11.00 3.52
C LEU A 29 1.21 -12.21 2.71
N VAL A 30 0.68 -13.22 3.41
CA VAL A 30 0.20 -14.45 2.79
C VAL A 30 -1.23 -14.73 3.25
N THR A 31 -2.13 -14.89 2.27
CA THR A 31 -3.53 -15.13 2.55
C THR A 31 -3.75 -16.61 2.82
N SER A 32 -4.94 -16.93 3.35
CA SER A 32 -5.37 -18.29 3.60
C SER A 32 -5.56 -19.03 2.28
N GLN A 33 -5.37 -18.29 1.17
CA GLN A 33 -5.67 -18.77 -0.16
C GLN A 33 -4.40 -19.04 -0.96
N ASP A 34 -3.25 -18.58 -0.45
CA ASP A 34 -2.01 -18.56 -1.22
C ASP A 34 -1.41 -19.97 -1.36
N LYS A 35 -1.01 -20.28 -2.59
CA LYS A 35 -0.19 -21.45 -2.87
C LYS A 35 1.26 -20.99 -2.96
N ALA A 36 2.19 -21.96 -2.95
CA ALA A 36 3.62 -21.69 -2.90
C ALA A 36 4.07 -20.76 -4.03
N PRO A 37 3.74 -21.04 -5.32
CA PRO A 37 4.15 -20.19 -6.43
C PRO A 37 3.82 -18.71 -6.24
N SER A 38 2.60 -18.45 -5.73
CA SER A 38 2.11 -17.09 -5.45
C SER A 38 3.13 -16.35 -4.58
N VAL A 39 3.60 -17.03 -3.53
CA VAL A 39 4.44 -16.42 -2.52
C VAL A 39 5.85 -16.24 -3.07
N ILE A 40 6.32 -17.22 -3.86
CA ILE A 40 7.67 -17.22 -4.40
C ILE A 40 7.84 -16.03 -5.34
N SER A 41 6.89 -15.90 -6.27
CA SER A 41 6.94 -14.83 -7.26
C SER A 41 6.80 -13.48 -6.56
N ARG A 42 6.02 -13.45 -5.46
CA ARG A 42 5.78 -12.24 -4.70
C ARG A 42 7.11 -11.71 -4.15
N VAL A 43 7.83 -12.58 -3.43
CA VAL A 43 9.08 -12.20 -2.78
C VAL A 43 10.15 -11.94 -3.84
N LEU A 44 10.07 -12.71 -4.93
CA LEU A 44 11.07 -12.65 -5.99
C LEU A 44 10.93 -11.33 -6.75
N LYS A 45 9.69 -10.88 -6.92
CA LYS A 45 9.40 -9.63 -7.61
C LYS A 45 9.77 -8.44 -6.72
N LYS A 46 9.62 -8.60 -5.39
CA LYS A 46 10.14 -7.63 -4.44
C LYS A 46 11.64 -7.48 -4.67
N ASN A 47 12.32 -8.61 -4.93
CA ASN A 47 13.77 -8.69 -5.02
C ASN A 47 14.30 -8.26 -6.40
N ASN A 48 13.40 -7.89 -7.32
CA ASN A 48 13.79 -7.37 -8.63
C ASN A 48 14.57 -8.44 -9.41
N ARG A 49 14.08 -9.68 -9.36
CA ARG A 49 14.73 -10.79 -10.04
C ARG A 49 13.76 -11.41 -11.06
N ASP A 50 13.21 -10.54 -11.91
CA ASP A 50 12.10 -10.78 -12.82
C ASP A 50 12.26 -12.06 -13.63
N SER A 51 13.52 -12.48 -13.84
CA SER A 51 13.86 -13.56 -14.77
C SER A 51 13.56 -14.93 -14.19
N ALA A 52 13.39 -15.01 -12.87
CA ALA A 52 13.04 -16.25 -12.20
C ALA A 52 11.72 -16.80 -12.74
N VAL A 53 11.70 -18.12 -12.97
CA VAL A 53 10.58 -18.80 -13.60
C VAL A 53 9.60 -19.23 -12.50
N ALA A 54 10.05 -19.08 -11.25
CA ALA A 54 9.30 -19.36 -10.04
C ALA A 54 9.27 -20.86 -9.75
N SER A 55 9.40 -21.67 -10.80
CA SER A 55 9.41 -23.12 -10.70
C SER A 55 10.82 -23.62 -10.41
N GLU A 56 11.77 -22.69 -10.33
CA GLU A 56 13.16 -23.03 -10.04
C GLU A 56 13.45 -22.91 -8.55
N TYR A 57 12.71 -22.00 -7.88
CA TYR A 57 12.98 -21.65 -6.50
C TYR A 57 12.16 -22.51 -5.53
N GLU A 58 12.61 -22.53 -4.27
CA GLU A 58 12.00 -23.32 -3.23
C GLU A 58 11.99 -22.50 -1.93
N LEU A 59 10.80 -22.44 -1.30
CA LEU A 59 10.56 -21.72 -0.07
C LEU A 59 10.53 -22.72 1.09
N VAL A 60 11.52 -22.55 2.01
CA VAL A 60 11.72 -23.48 3.15
C VAL A 60 11.68 -22.73 4.48
N GLN A 61 10.95 -23.23 5.48
CA GLN A 61 10.84 -22.66 6.85
C GLN A 61 12.00 -23.07 7.76
N LEU A 62 12.55 -22.15 8.57
CA LEU A 62 13.62 -22.47 9.55
C LEU A 62 12.98 -22.45 10.95
N LEU A 63 12.78 -23.62 11.59
CA LEU A 63 12.21 -23.76 12.96
C LEU A 63 13.31 -23.48 14.00
N PRO A 64 13.01 -23.18 15.28
CA PRO A 64 14.05 -23.00 16.29
C PRO A 64 14.75 -24.33 16.61
N GLY A 65 15.99 -24.27 17.10
CA GLY A 65 16.80 -25.47 17.40
C GLY A 65 17.58 -25.96 16.19
N GLU A 66 17.80 -25.08 15.19
CA GLU A 66 18.56 -25.34 13.93
C GLU A 66 17.92 -26.49 13.13
N ARG A 67 16.59 -26.50 13.06
CA ARG A 67 15.78 -27.50 12.31
C ARG A 67 15.04 -26.76 11.20
N GLU A 68 15.04 -27.26 9.96
CA GLU A 68 14.36 -26.59 8.82
C GLU A 68 13.43 -27.57 8.11
N LEU A 69 12.43 -27.05 7.38
CA LEU A 69 11.47 -27.83 6.60
C LEU A 69 11.09 -27.07 5.34
N THR A 70 11.04 -27.80 4.23
CA THR A 70 10.75 -27.23 2.93
C THR A 70 9.24 -27.29 2.68
N ILE A 71 8.66 -26.16 2.26
CA ILE A 71 7.23 -26.12 1.96
C ILE A 71 7.00 -26.73 0.57
N PRO A 72 6.10 -27.73 0.44
CA PRO A 72 5.79 -28.33 -0.85
C PRO A 72 5.22 -27.31 -1.83
N ALA A 73 5.71 -27.37 -3.07
CA ALA A 73 5.27 -26.49 -4.14
C ALA A 73 3.81 -26.79 -4.45
N SER A 74 3.09 -25.77 -4.93
CA SER A 74 1.68 -25.89 -5.31
C SER A 74 0.85 -26.36 -4.12
N ALA A 75 1.26 -25.93 -2.93
CA ALA A 75 0.53 -26.23 -1.70
C ALA A 75 0.23 -24.93 -0.95
N ASN A 76 -0.78 -25.00 -0.08
CA ASN A 76 -1.22 -23.85 0.69
C ASN A 76 -0.26 -23.61 1.85
N VAL A 77 0.55 -22.54 1.70
CA VAL A 77 1.62 -22.21 2.64
C VAL A 77 1.03 -21.81 3.99
N PHE A 78 -0.17 -21.20 3.95
CA PHE A 78 -0.83 -20.73 5.15
C PHE A 78 -1.12 -21.91 6.07
N TYR A 79 -1.43 -23.07 5.49
CA TYR A 79 -1.82 -24.24 6.28
C TYR A 79 -0.67 -25.22 6.42
N ALA A 80 0.34 -25.08 5.54
CA ALA A 80 1.44 -26.02 5.47
C ALA A 80 2.48 -25.71 6.56
N MET A 81 2.78 -24.42 6.74
CA MET A 81 3.80 -23.97 7.68
C MET A 81 3.47 -24.44 9.09
N ASP A 82 4.52 -24.57 9.92
CA ASP A 82 4.38 -25.12 11.27
C ASP A 82 3.63 -24.15 12.17
N GLY A 83 3.75 -22.84 11.89
CA GLY A 83 3.05 -21.82 12.61
C GLY A 83 3.71 -21.50 13.95
N ALA A 84 4.89 -22.09 14.16
CA ALA A 84 5.70 -21.78 15.33
C ALA A 84 6.99 -21.11 14.87
N SER A 85 6.96 -20.54 13.66
CA SER A 85 8.14 -19.91 13.10
C SER A 85 7.84 -18.51 12.55
N HIS A 86 7.29 -18.44 11.34
CA HIS A 86 7.05 -17.19 10.62
C HIS A 86 8.22 -16.83 9.72
N ASP A 87 9.36 -17.52 9.89
CA ASP A 87 10.58 -17.19 9.18
C ASP A 87 10.89 -18.25 8.12
N PHE A 88 11.08 -17.79 6.88
CA PHE A 88 11.37 -18.67 5.76
C PHE A 88 12.59 -18.13 5.03
N LEU A 89 12.98 -18.85 3.96
CA LEU A 89 14.06 -18.41 3.08
C LEU A 89 13.86 -19.01 1.70
N LEU A 90 14.39 -18.32 0.68
CA LEU A 90 14.32 -18.78 -0.70
C LEU A 90 15.70 -19.25 -1.15
N ARG A 91 15.72 -20.40 -1.83
CA ARG A 91 16.94 -20.91 -2.43
C ARG A 91 16.61 -21.54 -3.79
N GLN A 92 17.65 -21.74 -4.60
CA GLN A 92 17.50 -22.18 -5.98
C GLN A 92 17.97 -23.63 -6.12
N ARG A 93 18.68 -23.91 -7.22
CA ARG A 93 19.24 -25.19 -7.59
C ARG A 93 19.91 -25.02 -8.96
N ARG A 94 21.24 -24.86 -8.96
CA ARG A 94 21.99 -24.41 -10.13
C ARG A 94 21.71 -25.31 -11.34
N SER B 1 34.63 -8.03 16.29
CA SER B 1 33.69 -7.02 16.88
C SER B 1 33.91 -5.65 16.24
N MET B 2 32.87 -5.19 15.53
CA MET B 2 32.89 -3.87 14.92
C MET B 2 31.67 -3.08 15.40
N THR B 3 31.66 -1.79 15.05
CA THR B 3 30.60 -0.88 15.45
C THR B 3 29.34 -1.19 14.66
N GLU B 4 28.21 -1.26 15.38
CA GLU B 4 26.92 -1.50 14.74
C GLU B 4 26.08 -0.23 14.83
N TYR B 5 25.53 0.19 13.68
CA TYR B 5 24.65 1.35 13.63
C TYR B 5 23.26 0.91 13.17
N LYS B 6 22.24 1.29 13.94
CA LYS B 6 20.87 0.91 13.65
C LYS B 6 20.10 2.12 13.13
N LEU B 7 19.96 2.21 11.80
CA LEU B 7 19.17 3.27 11.19
C LEU B 7 17.76 2.75 10.94
N VAL B 8 16.79 3.68 10.98
CA VAL B 8 15.40 3.37 10.72
C VAL B 8 14.82 4.48 9.84
N VAL B 9 14.21 4.09 8.72
CA VAL B 9 13.68 5.03 7.76
C VAL B 9 12.16 5.10 7.93
N VAL B 10 11.67 6.30 8.28
CA VAL B 10 10.25 6.56 8.49
C VAL B 10 9.81 7.65 7.52
N GLY B 11 8.50 7.72 7.28
CA GLY B 11 7.91 8.69 6.37
C GLY B 11 6.55 8.21 5.87
N ALA B 12 5.82 9.11 5.19
CA ALA B 12 4.51 8.79 4.64
C ALA B 12 4.63 7.74 3.53
N VAL B 13 3.50 7.16 3.13
CA VAL B 13 3.47 6.15 2.08
C VAL B 13 3.93 6.79 0.77
N GLY B 14 4.87 6.14 0.08
CA GLY B 14 5.20 6.47 -1.29
C GLY B 14 6.31 7.52 -1.40
N VAL B 15 6.71 8.11 -0.27
CA VAL B 15 7.73 9.15 -0.23
C VAL B 15 9.03 8.62 -0.85
N GLY B 16 9.19 7.30 -0.82
CA GLY B 16 10.33 6.64 -1.43
C GLY B 16 11.39 6.28 -0.38
N LYS B 17 10.95 5.70 0.73
CA LYS B 17 11.87 5.23 1.75
C LYS B 17 12.52 3.94 1.27
N SER B 18 11.70 3.03 0.73
CA SER B 18 12.18 1.76 0.23
C SER B 18 13.20 2.02 -0.88
N ALA B 19 12.86 2.96 -1.78
CA ALA B 19 13.64 3.24 -2.95
C ALA B 19 15.05 3.74 -2.59
N LEU B 20 15.13 4.66 -1.62
CA LEU B 20 16.40 5.19 -1.17
C LEU B 20 17.28 4.10 -0.56
N THR B 21 16.65 3.21 0.23
CA THR B 21 17.40 2.20 0.95
C THR B 21 17.99 1.22 -0.05
N ILE B 22 17.16 0.82 -1.03
CA ILE B 22 17.53 -0.14 -2.05
C ILE B 22 18.65 0.45 -2.90
N GLN B 23 18.67 1.78 -2.98
CA GLN B 23 19.67 2.47 -3.75
C GLN B 23 21.02 2.42 -3.04
N LEU B 24 21.04 2.78 -1.75
CA LEU B 24 22.25 2.79 -0.95
C LEU B 24 22.88 1.40 -0.93
N ILE B 25 22.06 0.35 -0.86
CA ILE B 25 22.53 -0.98 -0.52
C ILE B 25 22.78 -1.82 -1.78
N GLN B 26 22.00 -1.58 -2.84
CA GLN B 26 22.02 -2.45 -4.00
C GLN B 26 22.34 -1.65 -5.27
N ASN B 27 22.57 -0.35 -5.10
CA ASN B 27 22.96 0.56 -6.17
C ASN B 27 22.08 0.36 -7.41
N HIS B 28 20.76 0.52 -7.25
CA HIS B 28 19.82 0.56 -8.36
C HIS B 28 18.50 1.17 -7.93
N PHE B 29 17.75 1.67 -8.91
CA PHE B 29 16.42 2.21 -8.73
C PHE B 29 15.49 1.57 -9.76
N VAL B 30 14.45 0.88 -9.29
CA VAL B 30 13.37 0.43 -10.17
C VAL B 30 12.11 1.25 -9.86
N ASP B 31 11.36 1.61 -10.90
CA ASP B 31 10.23 2.52 -10.79
C ASP B 31 9.04 1.83 -10.12
N GLU B 32 9.03 0.49 -10.16
CA GLU B 32 8.00 -0.34 -9.58
C GLU B 32 7.54 0.19 -8.22
N TYR B 33 6.22 0.28 -8.03
CA TYR B 33 5.57 0.55 -6.75
C TYR B 33 5.39 -0.77 -5.99
N ASP B 34 5.86 -0.81 -4.74
CA ASP B 34 5.73 -2.00 -3.92
C ASP B 34 5.62 -1.56 -2.45
N PRO B 35 4.40 -1.42 -1.91
CA PRO B 35 4.21 -1.10 -0.49
C PRO B 35 4.96 -2.07 0.41
N THR B 36 5.70 -1.52 1.38
CA THR B 36 6.51 -2.34 2.27
C THR B 36 5.86 -2.41 3.65
N ILE B 37 6.06 -3.54 4.34
CA ILE B 37 5.58 -3.76 5.70
C ILE B 37 6.72 -3.50 6.67
N GLU B 38 7.81 -4.25 6.48
CA GLU B 38 9.03 -4.13 7.27
C GLU B 38 10.15 -4.84 6.52
N ASP B 39 11.10 -4.07 6.01
CA ASP B 39 12.28 -4.63 5.36
C ASP B 39 13.50 -4.33 6.20
N SER B 40 14.29 -5.37 6.46
CA SER B 40 15.53 -5.25 7.23
C SER B 40 16.71 -5.44 6.29
N TYR B 41 17.71 -4.57 6.44
CA TYR B 41 18.96 -4.67 5.72
C TYR B 41 20.11 -4.61 6.71
N ARG B 42 21.15 -5.39 6.39
CA ARG B 42 22.40 -5.41 7.15
C ARG B 42 23.55 -5.38 6.14
N LYS B 43 24.39 -4.36 6.25
CA LYS B 43 25.56 -4.27 5.38
C LYS B 43 26.74 -3.70 6.14
N GLN B 44 27.92 -4.30 5.88
CA GLN B 44 29.18 -3.79 6.40
C GLN B 44 29.74 -2.79 5.38
N VAL B 45 30.34 -1.72 5.90
CA VAL B 45 30.88 -0.66 5.08
C VAL B 45 31.73 0.24 5.96
N VAL B 46 32.75 0.85 5.37
CA VAL B 46 33.62 1.75 6.11
C VAL B 46 33.15 3.18 5.87
N ILE B 47 33.08 3.96 6.97
CA ILE B 47 32.65 5.34 6.90
C ILE B 47 33.67 6.20 7.65
N ASP B 48 34.30 7.13 6.90
CA ASP B 48 35.34 7.99 7.43
C ASP B 48 36.39 7.14 8.12
N GLY B 49 36.66 5.97 7.54
CA GLY B 49 37.73 5.09 7.99
C GLY B 49 37.27 4.07 9.04
N GLU B 50 35.98 4.12 9.40
CA GLU B 50 35.46 3.24 10.45
C GLU B 50 34.64 2.12 9.83
N THR B 51 35.12 0.88 9.99
CA THR B 51 34.36 -0.30 9.60
C THR B 51 33.18 -0.44 10.55
N CYS B 52 31.98 -0.51 9.95
CA CYS B 52 30.77 -0.66 10.72
C CYS B 52 29.74 -1.45 9.94
N LEU B 53 28.83 -2.10 10.69
CA LEU B 53 27.71 -2.82 10.11
C LEU B 53 26.47 -1.95 10.24
N LEU B 54 25.86 -1.61 9.10
CA LEU B 54 24.64 -0.82 9.08
C LEU B 54 23.44 -1.74 9.21
N ASP B 55 22.56 -1.42 10.18
CA ASP B 55 21.30 -2.10 10.34
C ASP B 55 20.19 -1.11 9.97
N ILE B 56 19.81 -1.10 8.69
CA ILE B 56 18.79 -0.19 8.20
C ILE B 56 17.44 -0.90 8.25
N LEU B 57 16.42 -0.14 8.70
CA LEU B 57 15.07 -0.65 8.76
C LEU B 57 14.17 0.19 7.88
N ASP B 58 13.67 -0.43 6.80
CA ASP B 58 12.77 0.17 5.84
C ASP B 58 11.34 -0.07 6.31
N THR B 59 10.74 0.98 6.90
CA THR B 59 9.45 0.82 7.56
C THR B 59 8.32 1.06 6.57
N ALA B 60 7.10 0.69 6.99
CA ALA B 60 5.88 0.93 6.24
C ALA B 60 5.41 2.36 6.48
N GLY B 61 4.77 2.95 5.47
CA GLY B 61 4.13 4.25 5.62
C GLY B 61 2.67 4.09 6.05
N GLN B 62 2.11 2.91 5.79
CA GLN B 62 0.71 2.61 6.06
C GLN B 62 0.52 2.35 7.55
N GLU B 63 -0.44 3.08 8.14
CA GLU B 63 -0.79 2.98 9.55
C GLU B 63 -0.93 1.52 9.96
N GLU B 64 -1.41 0.69 9.03
CA GLU B 64 -1.78 -0.70 9.27
C GLU B 64 -0.68 -1.44 10.04
N TYR B 65 0.57 -1.03 9.83
CA TYR B 65 1.71 -1.76 10.38
C TYR B 65 2.47 -0.93 11.41
N SER B 66 1.92 0.25 11.73
CA SER B 66 2.53 1.13 12.71
C SER B 66 2.27 0.59 14.11
N ALA B 67 1.59 -0.55 14.19
CA ALA B 67 1.39 -1.27 15.44
C ALA B 67 2.73 -1.75 15.99
N MET B 68 3.77 -1.69 15.15
CA MET B 68 5.10 -2.17 15.50
C MET B 68 6.00 -1.01 15.93
N ARG B 69 5.50 0.22 15.80
CA ARG B 69 6.33 1.42 15.78
C ARG B 69 6.99 1.65 17.14
N ASP B 70 6.29 1.32 18.24
CA ASP B 70 6.83 1.58 19.57
C ASP B 70 8.04 0.70 19.84
N GLN B 71 8.08 -0.47 19.21
CA GLN B 71 9.16 -1.42 19.39
C GLN B 71 10.36 -1.01 18.53
N TYR B 72 10.14 -0.75 17.24
CA TYR B 72 11.24 -0.48 16.33
C TYR B 72 11.83 0.91 16.58
N MET B 73 11.04 1.82 17.17
CA MET B 73 11.54 3.14 17.52
C MET B 73 12.39 3.04 18.79
N ARG B 74 12.05 2.09 19.66
CA ARG B 74 12.84 1.82 20.85
C ARG B 74 14.24 1.35 20.42
N THR B 75 14.27 0.32 19.57
CA THR B 75 15.48 -0.39 19.16
C THR B 75 16.40 0.52 18.34
N GLY B 76 15.80 1.36 17.48
CA GLY B 76 16.51 2.15 16.50
C GLY B 76 17.43 3.19 17.15
N GLU B 77 18.56 3.46 16.49
CA GLU B 77 19.58 4.37 16.98
C GLU B 77 19.36 5.76 16.38
N GLY B 78 19.13 5.81 15.08
CA GLY B 78 18.93 7.06 14.35
C GLY B 78 17.78 6.94 13.36
N PHE B 79 17.15 8.09 13.05
CA PHE B 79 15.90 8.09 12.29
C PHE B 79 16.00 9.03 11.09
N LEU B 80 15.72 8.45 9.91
CA LEU B 80 15.69 9.19 8.66
C LEU B 80 14.23 9.52 8.33
N CYS B 81 13.87 10.79 8.52
CA CYS B 81 12.49 11.23 8.34
C CYS B 81 12.33 11.79 6.93
N VAL B 82 11.50 11.10 6.14
CA VAL B 82 11.41 11.34 4.71
C VAL B 82 10.05 11.92 4.36
N PHE B 83 10.07 12.92 3.48
CA PHE B 83 8.89 13.37 2.77
C PHE B 83 9.21 13.46 1.29
N ALA B 84 8.17 13.54 0.46
CA ALA B 84 8.32 13.76 -0.97
C ALA B 84 8.06 15.24 -1.26
N ILE B 85 8.85 15.82 -2.16
CA ILE B 85 8.74 17.25 -2.45
C ILE B 85 7.42 17.51 -3.17
N ASN B 86 6.86 16.48 -3.83
CA ASN B 86 5.63 16.61 -4.57
C ASN B 86 4.42 16.44 -3.65
N ASN B 87 4.57 15.61 -2.61
CA ASN B 87 3.49 15.34 -1.67
C ASN B 87 3.61 16.29 -0.48
N THR B 88 2.69 17.27 -0.42
CA THR B 88 2.69 18.24 0.67
C THR B 88 2.30 17.55 1.97
N LYS B 89 1.40 16.57 1.88
CA LYS B 89 0.90 15.86 3.05
C LYS B 89 2.05 15.20 3.80
N SER B 90 2.99 14.60 3.05
CA SER B 90 4.13 13.93 3.64
C SER B 90 4.91 14.88 4.54
N PHE B 91 5.08 16.12 4.06
CA PHE B 91 5.87 17.13 4.75
C PHE B 91 5.23 17.50 6.09
N GLU B 92 3.89 17.55 6.10
CA GLU B 92 3.15 17.88 7.31
C GLU B 92 3.21 16.70 8.28
N ASP B 93 3.43 15.50 7.73
CA ASP B 93 3.43 14.27 8.51
C ASP B 93 4.66 14.19 9.39
N ILE B 94 5.73 14.90 9.01
CA ILE B 94 7.01 14.81 9.69
C ILE B 94 6.85 15.23 11.15
N HIS B 95 6.08 16.30 11.38
CA HIS B 95 5.74 16.75 12.72
C HIS B 95 5.40 15.53 13.58
N HIS B 96 4.41 14.76 13.14
CA HIS B 96 3.87 13.63 13.87
C HIS B 96 4.94 12.57 14.09
N TYR B 97 5.75 12.32 13.06
CA TYR B 97 6.79 11.30 13.14
C TYR B 97 7.78 11.65 14.24
N ARG B 98 8.22 12.91 14.27
CA ARG B 98 9.25 13.35 15.21
C ARG B 98 8.74 13.23 16.64
N GLU B 99 7.51 13.71 16.86
CA GLU B 99 6.89 13.70 18.18
C GLU B 99 6.84 12.27 18.71
N GLN B 100 6.54 11.32 17.81
CA GLN B 100 6.48 9.91 18.16
C GLN B 100 7.85 9.40 18.56
N ILE B 101 8.89 9.88 17.87
CA ILE B 101 10.27 9.49 18.15
C ILE B 101 10.68 10.06 19.50
N LYS B 102 10.25 11.30 19.78
CA LYS B 102 10.56 11.98 21.02
C LYS B 102 9.90 11.26 22.19
N ARG B 103 8.63 10.88 22.02
CA ARG B 103 7.81 10.34 23.08
C ARG B 103 8.34 8.96 23.48
N VAL B 104 8.59 8.10 22.49
CA VAL B 104 9.26 6.83 22.76
C VAL B 104 10.69 7.15 23.17
N LYS B 105 11.15 6.49 24.24
CA LYS B 105 12.43 6.81 24.86
C LYS B 105 12.57 8.32 24.99
N ASP B 106 11.80 8.89 25.92
CA ASP B 106 11.72 10.32 26.18
C ASP B 106 13.12 10.96 26.08
N SER B 107 13.38 11.63 24.95
CA SER B 107 14.54 12.50 24.80
C SER B 107 14.25 13.52 23.71
N GLU B 108 14.72 14.75 23.93
CA GLU B 108 14.44 15.84 22.98
C GLU B 108 15.61 15.98 22.02
N ASP B 109 16.75 15.35 22.36
CA ASP B 109 17.89 15.28 21.46
C ASP B 109 18.08 13.84 21.02
N VAL B 110 17.58 13.54 19.82
CA VAL B 110 17.67 12.21 19.22
C VAL B 110 18.29 12.38 17.83
N PRO B 111 19.22 11.49 17.42
CA PRO B 111 19.87 11.61 16.11
C PRO B 111 18.87 11.42 14.98
N MET B 112 18.64 12.51 14.23
CA MET B 112 17.71 12.49 13.11
C MET B 112 18.30 13.27 11.93
N VAL B 113 17.84 12.89 10.72
CA VAL B 113 18.07 13.66 9.51
C VAL B 113 16.77 13.69 8.71
N LEU B 114 16.32 14.91 8.37
CA LEU B 114 15.18 15.13 7.52
C LEU B 114 15.62 15.04 6.05
N VAL B 115 14.74 14.49 5.20
CA VAL B 115 15.08 14.23 3.80
C VAL B 115 13.89 14.60 2.91
N GLY B 116 14.16 15.30 1.80
CA GLY B 116 13.18 15.59 0.77
C GLY B 116 13.49 14.80 -0.51
N ASN B 117 12.58 13.91 -0.89
CA ASN B 117 13.00 12.73 -1.63
C ASN B 117 12.95 12.86 -3.15
N LYS B 118 11.91 13.50 -3.74
CA LYS B 118 11.78 13.32 -5.18
C LYS B 118 12.19 14.59 -5.94
N CYS B 119 13.45 15.00 -5.75
CA CYS B 119 13.92 16.34 -6.12
C CYS B 119 14.20 16.44 -7.62
N ASP B 120 14.17 15.31 -8.32
CA ASP B 120 14.35 15.24 -9.75
C ASP B 120 13.03 15.59 -10.45
N LEU B 121 11.91 15.34 -9.76
CA LEU B 121 10.58 15.57 -10.30
C LEU B 121 10.36 17.08 -10.49
N PRO B 122 9.71 17.51 -11.61
CA PRO B 122 9.47 18.92 -11.85
C PRO B 122 8.48 19.59 -10.89
N SER B 123 7.49 18.81 -10.42
CA SER B 123 6.33 19.34 -9.70
C SER B 123 6.75 20.36 -8.63
N ARG B 124 7.56 19.92 -7.66
CA ARG B 124 7.99 20.72 -6.52
C ARG B 124 6.79 21.42 -5.89
N THR B 125 6.24 20.81 -4.84
CA THR B 125 5.04 21.33 -4.19
C THR B 125 5.42 22.01 -2.87
N VAL B 126 6.58 21.64 -2.30
CA VAL B 126 7.06 22.25 -1.07
C VAL B 126 8.43 22.89 -1.32
N ASP B 127 8.59 24.12 -0.83
CA ASP B 127 9.84 24.85 -0.92
C ASP B 127 10.89 24.19 -0.02
N THR B 128 12.16 24.21 -0.46
CA THR B 128 13.24 23.78 0.41
C THR B 128 13.46 24.83 1.51
N LYS B 129 13.05 26.07 1.24
CA LYS B 129 13.10 27.14 2.23
C LYS B 129 12.37 26.72 3.50
N GLN B 130 11.10 26.32 3.37
CA GLN B 130 10.27 26.00 4.52
C GLN B 130 10.68 24.66 5.10
N ALA B 131 11.45 23.87 4.33
CA ALA B 131 11.98 22.61 4.81
C ALA B 131 13.22 22.82 5.67
N GLN B 132 14.16 23.62 5.16
CA GLN B 132 15.41 23.94 5.84
C GLN B 132 15.12 24.76 7.10
N ASP B 133 14.02 25.53 7.05
CA ASP B 133 13.58 26.35 8.16
C ASP B 133 13.08 25.44 9.28
N LEU B 134 12.42 24.33 8.90
CA LEU B 134 11.97 23.36 9.88
C LEU B 134 13.18 22.69 10.51
N ALA B 135 14.15 22.30 9.66
CA ALA B 135 15.34 21.59 10.09
C ALA B 135 16.16 22.45 11.06
N ARG B 136 16.15 23.77 10.81
CA ARG B 136 16.85 24.70 11.67
C ARG B 136 16.17 24.74 13.04
N SER B 137 14.84 24.69 13.05
CA SER B 137 14.07 24.75 14.27
C SER B 137 14.21 23.43 15.03
N TYR B 138 14.33 22.33 14.29
CA TYR B 138 14.58 21.03 14.88
C TYR B 138 16.06 20.91 15.21
N GLY B 139 16.87 21.80 14.61
CA GLY B 139 18.31 21.80 14.78
C GLY B 139 18.94 20.50 14.29
N ILE B 140 18.39 19.97 13.19
CA ILE B 140 18.88 18.75 12.59
C ILE B 140 19.25 19.02 11.14
N PRO B 141 20.03 18.13 10.50
CA PRO B 141 20.40 18.29 9.09
C PRO B 141 19.19 18.18 8.17
N PHE B 142 19.38 18.57 6.91
CA PHE B 142 18.35 18.47 5.89
C PHE B 142 18.99 18.26 4.53
N ILE B 143 18.69 17.11 3.92
CA ILE B 143 19.25 16.74 2.63
C ILE B 143 18.10 16.50 1.66
N GLU B 144 18.19 17.13 0.48
CA GLU B 144 17.32 16.82 -0.64
C GLU B 144 17.98 15.72 -1.48
N THR B 145 17.22 14.66 -1.72
CA THR B 145 17.72 13.47 -2.38
C THR B 145 16.89 13.17 -3.63
N SER B 146 17.37 12.22 -4.43
CA SER B 146 16.59 11.54 -5.45
C SER B 146 17.05 10.10 -5.57
N ALA B 147 16.19 9.16 -5.21
CA ALA B 147 16.50 7.74 -5.30
C ALA B 147 16.72 7.34 -6.76
N LYS B 148 16.19 8.15 -7.69
CA LYS B 148 16.27 7.88 -9.12
C LYS B 148 17.68 8.15 -9.65
N THR B 149 18.19 9.35 -9.37
CA THR B 149 19.48 9.80 -9.88
C THR B 149 20.58 9.49 -8.86
N ARG B 150 20.16 9.07 -7.66
CA ARG B 150 21.06 8.72 -6.56
C ARG B 150 21.67 9.98 -5.93
N GLN B 151 21.20 11.16 -6.35
CA GLN B 151 21.65 12.39 -5.74
C GLN B 151 21.32 12.39 -4.25
N GLY B 152 22.36 12.56 -3.41
CA GLY B 152 22.20 12.82 -1.99
C GLY B 152 22.04 11.56 -1.13
N VAL B 153 21.92 10.39 -1.78
CA VAL B 153 21.63 9.14 -1.08
C VAL B 153 22.73 8.87 -0.06
N ASP B 154 23.98 8.87 -0.54
CA ASP B 154 25.13 8.62 0.30
C ASP B 154 25.16 9.65 1.41
N ASP B 155 25.05 10.92 0.99
CA ASP B 155 25.15 12.06 1.88
C ASP B 155 24.18 11.87 3.04
N ALA B 156 22.92 11.53 2.70
CA ALA B 156 21.83 11.48 3.66
C ALA B 156 22.10 10.40 4.71
N PHE B 157 22.32 9.17 4.24
CA PHE B 157 22.51 8.06 5.16
C PHE B 157 23.73 8.30 6.04
N TYR B 158 24.85 8.67 5.42
CA TYR B 158 26.11 8.75 6.13
C TYR B 158 26.04 9.85 7.19
N THR B 159 25.32 10.94 6.86
CA THR B 159 25.13 12.04 7.80
C THR B 159 24.46 11.54 9.08
N LEU B 160 23.44 10.69 8.92
CA LEU B 160 22.73 10.15 10.07
C LEU B 160 23.72 9.35 10.92
N VAL B 161 24.60 8.58 10.27
CA VAL B 161 25.62 7.82 10.96
C VAL B 161 26.49 8.77 11.77
N ARG B 162 26.94 9.85 11.11
CA ARG B 162 27.80 10.84 11.74
C ARG B 162 27.11 11.43 12.96
N GLU B 163 25.80 11.70 12.81
CA GLU B 163 24.99 12.26 13.87
C GLU B 163 24.89 11.27 15.04
N ILE B 164 24.83 9.97 14.71
CA ILE B 164 24.67 8.93 15.70
C ILE B 164 25.93 8.85 16.57
N ARG B 165 27.09 8.67 15.94
CA ARG B 165 28.33 8.53 16.69
C ARG B 165 28.61 9.81 17.47
N LYS B 166 28.13 10.94 16.95
CA LYS B 166 28.25 12.23 17.64
C LYS B 166 27.50 12.18 18.98
N HIS B 167 26.38 11.45 19.01
CA HIS B 167 25.63 11.19 20.24
C HIS B 167 25.98 9.78 20.74
N LYS B 168 27.20 9.62 21.29
CA LYS B 168 27.71 8.30 21.61
C LYS B 168 26.66 7.51 22.40
N SER C 7 2.51 -12.59 12.54
CA SER C 7 1.24 -12.98 13.24
C SER C 7 0.04 -12.74 12.32
N ASP C 8 -1.15 -13.18 12.78
CA ASP C 8 -2.31 -13.27 11.91
C ASP C 8 -3.04 -11.93 11.82
N CYS C 9 -3.77 -11.75 10.71
CA CYS C 9 -4.55 -10.55 10.45
C CYS C 9 -5.91 -10.92 9.88
N ARG C 10 -6.86 -9.98 9.93
CA ARG C 10 -8.15 -10.16 9.30
C ARG C 10 -8.51 -8.95 8.46
N ILE C 11 -9.22 -9.17 7.36
CA ILE C 11 -9.79 -8.08 6.59
C ILE C 11 -11.23 -7.93 7.03
N ILE C 12 -11.61 -6.71 7.42
CA ILE C 12 -12.97 -6.39 7.83
C ILE C 12 -13.47 -5.22 6.97
N ARG C 13 -14.79 -5.09 6.84
CA ARG C 13 -15.38 -3.94 6.19
C ARG C 13 -16.16 -3.11 7.22
N VAL C 14 -15.92 -1.80 7.21
CA VAL C 14 -16.52 -0.91 8.18
C VAL C 14 -17.25 0.21 7.44
N GLN C 15 -18.48 0.51 7.87
CA GLN C 15 -19.31 1.56 7.30
C GLN C 15 -19.31 2.75 8.26
N MET C 16 -19.31 3.97 7.74
CA MET C 16 -19.20 5.18 8.53
C MET C 16 -20.57 5.60 9.04
N GLU C 17 -20.63 6.74 9.76
CA GLU C 17 -21.91 7.30 10.22
C GLU C 17 -22.71 7.81 9.02
N LEU C 18 -21.98 8.26 7.99
CA LEU C 18 -22.49 8.55 6.65
C LEU C 18 -23.61 9.59 6.70
N GLY C 19 -23.30 10.75 7.29
CA GLY C 19 -24.20 11.89 7.32
C GLY C 19 -24.51 12.38 5.91
N GLU C 20 -23.45 12.50 5.10
CA GLU C 20 -23.55 12.75 3.67
C GLU C 20 -23.51 11.42 2.92
N ASP C 21 -23.71 11.46 1.60
CA ASP C 21 -23.80 10.25 0.79
C ASP C 21 -22.54 9.39 0.98
N GLY C 22 -21.36 10.03 0.96
CA GLY C 22 -20.08 9.35 1.15
C GLY C 22 -19.96 8.04 0.37
N SER C 23 -19.56 6.98 1.09
CA SER C 23 -19.23 5.68 0.55
C SER C 23 -20.10 4.63 1.25
N VAL C 24 -20.21 3.43 0.64
CA VAL C 24 -20.96 2.35 1.25
C VAL C 24 -20.12 1.70 2.36
N TYR C 25 -18.94 1.20 2.00
CA TYR C 25 -18.04 0.64 2.99
C TYR C 25 -16.58 0.74 2.52
N LYS C 26 -15.65 0.58 3.47
CA LYS C 26 -14.24 0.49 3.19
C LYS C 26 -13.67 -0.76 3.85
N SER C 27 -12.98 -1.60 3.06
CA SER C 27 -12.29 -2.78 3.56
C SER C 27 -11.02 -2.36 4.29
N ILE C 28 -10.78 -2.95 5.46
CA ILE C 28 -9.70 -2.55 6.36
C ILE C 28 -9.00 -3.80 6.90
N LEU C 29 -7.67 -3.72 6.99
CA LEU C 29 -6.85 -4.81 7.54
C LEU C 29 -6.55 -4.52 9.00
N VAL C 30 -6.77 -5.52 9.86
CA VAL C 30 -6.47 -5.42 11.28
C VAL C 30 -5.55 -6.57 11.71
N THR C 31 -4.43 -6.19 12.33
CA THR C 31 -3.43 -7.15 12.77
C THR C 31 -3.85 -7.71 14.13
N SER C 32 -3.17 -8.77 14.56
CA SER C 32 -3.38 -9.38 15.86
C SER C 32 -2.95 -8.43 16.97
N GLN C 33 -2.38 -7.28 16.55
CA GLN C 33 -1.71 -6.36 17.45
C GLN C 33 -2.56 -5.09 17.64
N ASP C 34 -3.56 -4.90 16.78
CA ASP C 34 -4.31 -3.64 16.73
C ASP C 34 -5.30 -3.56 17.89
N LYS C 35 -5.31 -2.41 18.57
CA LYS C 35 -6.33 -2.07 19.55
C LYS C 35 -7.35 -1.17 18.85
N ALA C 36 -8.50 -0.96 19.51
CA ALA C 36 -9.63 -0.25 18.93
C ALA C 36 -9.25 1.14 18.44
N PRO C 37 -8.57 2.00 19.25
CA PRO C 37 -8.17 3.33 18.80
C PRO C 37 -7.44 3.35 17.46
N SER C 38 -6.49 2.41 17.29
CA SER C 38 -5.72 2.25 16.06
C SER C 38 -6.65 2.16 14.86
N VAL C 39 -7.68 1.32 15.00
CA VAL C 39 -8.58 0.99 13.90
C VAL C 39 -9.54 2.16 13.65
N ILE C 40 -9.96 2.83 14.73
CA ILE C 40 -10.95 3.88 14.60
C ILE C 40 -10.33 5.09 13.90
N SER C 41 -9.11 5.45 14.29
CA SER C 41 -8.40 6.56 13.65
C SER C 41 -8.07 6.21 12.20
N ARG C 42 -7.82 4.91 11.95
CA ARG C 42 -7.52 4.41 10.62
C ARG C 42 -8.70 4.68 9.69
N VAL C 43 -9.91 4.25 10.09
CA VAL C 43 -11.11 4.41 9.28
C VAL C 43 -11.50 5.89 9.21
N LEU C 44 -11.21 6.63 10.29
CA LEU C 44 -11.50 8.04 10.39
C LEU C 44 -10.67 8.82 9.37
N LYS C 45 -9.41 8.42 9.19
CA LYS C 45 -8.52 9.06 8.24
C LYS C 45 -8.90 8.65 6.80
N LYS C 46 -9.34 7.40 6.63
CA LYS C 46 -9.82 6.89 5.35
C LYS C 46 -10.96 7.78 4.85
N ASN C 47 -11.84 8.16 5.78
CA ASN C 47 -12.97 9.06 5.53
C ASN C 47 -12.47 10.49 5.60
N ASN C 48 -13.28 11.44 5.12
CA ASN C 48 -12.90 12.84 5.12
C ASN C 48 -13.18 13.46 6.48
N ARG C 49 -12.82 12.75 7.55
CA ARG C 49 -12.93 13.26 8.90
C ARG C 49 -11.56 13.30 9.55
N ASP C 50 -10.59 13.94 8.85
CA ASP C 50 -9.25 14.15 9.37
C ASP C 50 -9.31 14.98 10.65
N SER C 51 -10.36 15.79 10.79
CA SER C 51 -10.53 16.73 11.88
C SER C 51 -10.97 16.02 13.16
N ALA C 52 -11.53 14.81 13.02
CA ALA C 52 -12.23 14.16 14.12
C ALA C 52 -11.25 13.45 15.05
N VAL C 53 -11.54 13.50 16.36
CA VAL C 53 -10.80 12.75 17.37
C VAL C 53 -11.37 11.34 17.47
N ALA C 54 -10.46 10.37 17.63
CA ALA C 54 -10.78 8.95 17.68
C ALA C 54 -11.30 8.54 19.06
N SER C 55 -11.05 9.39 20.06
CA SER C 55 -11.48 9.11 21.43
C SER C 55 -12.99 9.23 21.55
N GLU C 56 -13.64 9.74 20.49
CA GLU C 56 -15.04 10.08 20.54
C GLU C 56 -15.89 8.97 19.93
N TYR C 57 -15.31 8.23 18.97
CA TYR C 57 -16.07 7.32 18.13
C TYR C 57 -16.11 5.91 18.71
N GLU C 58 -17.03 5.09 18.19
CA GLU C 58 -17.27 3.74 18.70
C GLU C 58 -17.45 2.78 17.52
N LEU C 59 -16.76 1.63 17.60
CA LEU C 59 -16.72 0.68 16.51
C LEU C 59 -17.62 -0.51 16.84
N VAL C 60 -18.65 -0.73 16.02
CA VAL C 60 -19.73 -1.64 16.36
C VAL C 60 -19.82 -2.73 15.30
N GLN C 61 -19.61 -3.99 15.72
CA GLN C 61 -19.73 -5.13 14.84
C GLN C 61 -21.21 -5.43 14.64
N LEU C 62 -21.58 -5.77 13.39
CA LEU C 62 -22.93 -6.18 13.08
C LEU C 62 -22.96 -7.69 12.90
N LEU C 63 -23.81 -8.34 13.69
CA LEU C 63 -23.96 -9.79 13.72
C LEU C 63 -25.29 -10.15 13.06
N PRO C 64 -25.52 -11.43 12.68
CA PRO C 64 -26.80 -11.86 12.14
C PRO C 64 -27.93 -11.65 13.13
N GLY C 65 -29.15 -11.47 12.60
CA GLY C 65 -30.35 -11.30 13.42
C GLY C 65 -30.44 -9.90 14.01
N GLU C 66 -29.91 -8.93 13.27
CA GLU C 66 -29.97 -7.51 13.62
C GLU C 66 -29.35 -7.27 15.01
N ARG C 67 -28.37 -8.12 15.34
CA ARG C 67 -27.64 -8.08 16.59
C ARG C 67 -26.37 -7.26 16.41
N GLU C 68 -26.06 -6.41 17.39
CA GLU C 68 -24.87 -5.60 17.35
C GLU C 68 -23.95 -5.94 18.52
N LEU C 69 -22.67 -5.58 18.37
CA LEU C 69 -21.71 -5.63 19.47
C LEU C 69 -20.78 -4.44 19.38
N THR C 70 -20.70 -3.66 20.46
CA THR C 70 -19.84 -2.48 20.49
C THR C 70 -18.49 -2.87 21.08
N ILE C 71 -17.42 -2.49 20.38
CA ILE C 71 -16.06 -2.85 20.79
C ILE C 71 -15.61 -1.89 21.88
N PRO C 72 -15.17 -2.39 23.06
CA PRO C 72 -14.66 -1.53 24.12
C PRO C 72 -13.44 -0.74 23.66
N ALA C 73 -13.40 0.55 24.03
CA ALA C 73 -12.37 1.49 23.63
C ALA C 73 -10.96 0.89 23.67
N SER C 74 -10.75 -0.04 24.61
CA SER C 74 -9.42 -0.50 24.95
C SER C 74 -9.12 -1.88 24.35
N ALA C 75 -10.11 -2.51 23.70
CA ALA C 75 -10.00 -3.90 23.32
C ALA C 75 -9.14 -4.07 22.07
N ASN C 76 -8.55 -5.26 21.94
CA ASN C 76 -7.92 -5.72 20.71
C ASN C 76 -9.04 -6.27 19.83
N VAL C 77 -9.30 -5.60 18.70
CA VAL C 77 -10.44 -5.92 17.84
C VAL C 77 -10.27 -7.31 17.22
N PHE C 78 -9.02 -7.69 16.97
CA PHE C 78 -8.71 -8.97 16.36
C PHE C 78 -9.21 -10.12 17.25
N TYR C 79 -9.12 -9.93 18.56
CA TYR C 79 -9.48 -10.99 19.50
C TYR C 79 -10.89 -10.78 20.04
N ALA C 80 -11.40 -9.55 19.93
CA ALA C 80 -12.67 -9.18 20.52
C ALA C 80 -13.83 -9.64 19.64
N MET C 81 -13.71 -9.44 18.32
CA MET C 81 -14.81 -9.59 17.38
C MET C 81 -15.37 -11.00 17.41
N ASP C 82 -16.66 -11.12 17.07
CA ASP C 82 -17.45 -12.32 17.31
C ASP C 82 -17.02 -13.45 16.40
N GLY C 83 -16.52 -13.11 15.21
CA GLY C 83 -15.99 -14.11 14.31
C GLY C 83 -17.10 -14.86 13.58
N ALA C 84 -18.33 -14.33 13.69
CA ALA C 84 -19.44 -14.75 12.85
C ALA C 84 -19.81 -13.61 11.91
N SER C 85 -18.91 -12.61 11.80
CA SER C 85 -19.12 -11.43 11.00
C SER C 85 -17.78 -10.75 10.76
N HIS C 86 -17.61 -10.20 9.56
CA HIS C 86 -16.47 -9.36 9.21
C HIS C 86 -16.97 -7.94 8.92
N ASP C 87 -18.22 -7.64 9.32
CA ASP C 87 -18.85 -6.37 9.00
C ASP C 87 -18.98 -5.52 10.26
N PHE C 88 -18.51 -4.26 10.18
CA PHE C 88 -18.59 -3.33 11.30
C PHE C 88 -19.25 -2.03 10.89
N LEU C 89 -19.34 -1.10 11.85
CA LEU C 89 -19.87 0.23 11.65
C LEU C 89 -19.25 1.16 12.68
N LEU C 90 -18.98 2.40 12.26
CA LEU C 90 -18.45 3.44 13.13
C LEU C 90 -19.53 4.50 13.34
N ARG C 91 -19.75 4.86 14.61
CA ARG C 91 -20.77 5.83 14.98
C ARG C 91 -20.28 6.70 16.11
N GLN C 92 -20.98 7.82 16.32
CA GLN C 92 -20.55 8.92 17.16
C GLN C 92 -20.22 8.46 18.58
N ARG C 93 -21.20 7.86 19.26
CA ARG C 93 -21.16 7.66 20.70
C ARG C 93 -21.02 9.03 21.37
N ARG C 94 -22.01 9.89 21.12
CA ARG C 94 -22.03 11.22 21.70
C ARG C 94 -23.26 11.35 22.62
N SER D 1 -38.18 2.66 -9.74
CA SER D 1 -37.30 3.61 -8.98
C SER D 1 -36.16 4.09 -9.86
N MET D 2 -34.94 3.58 -9.63
CA MET D 2 -33.76 4.09 -10.32
C MET D 2 -33.00 2.93 -10.94
N THR D 3 -32.41 3.18 -12.12
CA THR D 3 -31.59 2.19 -12.80
C THR D 3 -30.25 2.06 -12.06
N GLU D 4 -29.82 0.83 -11.83
CA GLU D 4 -28.63 0.55 -11.03
C GLU D 4 -27.53 0.01 -11.92
N TYR D 5 -26.36 0.66 -11.86
CA TYR D 5 -25.20 0.27 -12.64
C TYR D 5 -24.06 -0.06 -11.69
N LYS D 6 -23.46 -1.25 -11.88
CA LYS D 6 -22.42 -1.73 -10.98
C LYS D 6 -21.07 -1.71 -11.69
N LEU D 7 -20.31 -0.64 -11.45
CA LEU D 7 -18.99 -0.48 -12.07
C LEU D 7 -17.92 -0.98 -11.12
N VAL D 8 -16.82 -1.48 -11.69
CA VAL D 8 -15.70 -2.01 -10.92
C VAL D 8 -14.41 -1.53 -11.58
N VAL D 9 -13.55 -0.88 -10.79
CA VAL D 9 -12.33 -0.27 -11.31
C VAL D 9 -11.15 -1.15 -10.95
N VAL D 10 -10.47 -1.67 -11.98
CA VAL D 10 -9.36 -2.59 -11.83
C VAL D 10 -8.12 -1.98 -12.48
N GLY D 11 -6.94 -2.48 -12.06
CA GLY D 11 -5.68 -2.04 -12.62
C GLY D 11 -4.52 -2.32 -11.67
N ALA D 12 -3.30 -2.09 -12.16
CA ALA D 12 -2.09 -2.33 -11.38
C ALA D 12 -2.00 -1.35 -10.21
N VAL D 13 -1.05 -1.61 -9.31
CA VAL D 13 -0.79 -0.78 -8.15
C VAL D 13 -0.40 0.62 -8.62
N GLY D 14 -1.06 1.63 -8.04
CA GLY D 14 -0.63 3.02 -8.13
C GLY D 14 -1.11 3.73 -9.39
N VAL D 15 -1.79 3.00 -10.28
CA VAL D 15 -2.23 3.54 -11.57
C VAL D 15 -3.15 4.73 -11.34
N GLY D 16 -3.79 4.76 -10.15
CA GLY D 16 -4.63 5.86 -9.74
C GLY D 16 -6.11 5.54 -9.91
N LYS D 17 -6.49 4.31 -9.56
CA LYS D 17 -7.89 3.94 -9.66
C LYS D 17 -8.66 4.51 -8.47
N SER D 18 -8.06 4.44 -7.28
CA SER D 18 -8.67 5.01 -6.09
C SER D 18 -8.92 6.51 -6.29
N ALA D 19 -7.90 7.19 -6.84
CA ALA D 19 -7.88 8.63 -6.98
C ALA D 19 -9.04 9.12 -7.85
N LEU D 20 -9.30 8.42 -8.95
CA LEU D 20 -10.34 8.86 -9.87
C LEU D 20 -11.73 8.45 -9.40
N THR D 21 -11.84 7.35 -8.64
CA THR D 21 -13.13 6.98 -8.08
C THR D 21 -13.55 8.07 -7.09
N ILE D 22 -12.58 8.47 -6.25
CA ILE D 22 -12.86 9.43 -5.20
C ILE D 22 -13.05 10.82 -5.82
N GLN D 23 -12.59 10.99 -7.07
CA GLN D 23 -12.76 12.25 -7.78
C GLN D 23 -14.21 12.36 -8.24
N LEU D 24 -14.76 11.23 -8.69
CA LEU D 24 -16.15 11.09 -9.21
C LEU D 24 -17.20 11.70 -8.26
N ILE D 25 -17.05 11.38 -6.97
CA ILE D 25 -17.95 11.74 -5.84
C ILE D 25 -17.34 12.85 -5.00
N GLN D 26 -18.12 13.85 -4.57
CA GLN D 26 -17.62 14.91 -3.64
C GLN D 26 -16.33 15.55 -4.18
N ASN D 27 -16.19 15.56 -5.50
CA ASN D 27 -15.08 16.07 -6.37
C ASN D 27 -13.84 16.58 -5.65
N HIS D 28 -12.72 15.76 -5.53
CA HIS D 28 -11.41 16.21 -5.08
C HIS D 28 -10.34 15.15 -5.38
N PHE D 29 -9.09 15.62 -5.46
CA PHE D 29 -7.93 14.77 -5.68
C PHE D 29 -6.95 14.99 -4.53
N VAL D 30 -6.74 13.91 -3.77
CA VAL D 30 -5.82 13.95 -2.64
C VAL D 30 -4.56 13.23 -3.07
N ASP D 31 -3.41 13.91 -2.91
CA ASP D 31 -2.16 13.39 -3.42
C ASP D 31 -1.65 12.27 -2.52
N GLU D 32 -2.12 12.27 -1.26
CA GLU D 32 -1.82 11.18 -0.33
C GLU D 32 -2.15 9.84 -1.00
N TYR D 33 -1.19 8.91 -0.96
CA TYR D 33 -1.41 7.55 -1.44
C TYR D 33 -1.83 6.68 -0.26
N ASP D 34 -2.91 5.94 -0.48
CA ASP D 34 -3.43 5.01 0.51
C ASP D 34 -3.90 3.76 -0.22
N PRO D 35 -3.07 2.70 -0.26
CA PRO D 35 -3.44 1.45 -0.90
C PRO D 35 -4.79 0.93 -0.42
N THR D 36 -5.60 0.50 -1.39
CA THR D 36 -6.96 0.05 -1.14
C THR D 36 -7.00 -1.48 -1.22
N ILE D 37 -7.91 -2.08 -0.45
CA ILE D 37 -8.16 -3.52 -0.49
C ILE D 37 -9.43 -3.76 -1.31
N GLU D 38 -10.54 -3.16 -0.85
CA GLU D 38 -11.79 -3.14 -1.58
C GLU D 38 -12.67 -2.03 -1.00
N ASP D 39 -12.89 -0.98 -1.78
CA ASP D 39 -13.71 0.14 -1.34
C ASP D 39 -14.95 0.20 -2.21
N SER D 40 -16.12 0.37 -1.57
CA SER D 40 -17.40 0.43 -2.25
C SER D 40 -17.98 1.84 -2.14
N TYR D 41 -18.48 2.36 -3.27
CA TYR D 41 -19.10 3.68 -3.35
C TYR D 41 -20.44 3.58 -4.08
N ARG D 42 -21.27 4.60 -3.88
CA ARG D 42 -22.62 4.67 -4.40
C ARG D 42 -22.95 6.13 -4.68
N LYS D 43 -23.34 6.45 -5.91
CA LYS D 43 -23.74 7.82 -6.24
C LYS D 43 -24.84 7.81 -7.31
N GLN D 44 -25.85 8.68 -7.12
CA GLN D 44 -26.87 8.90 -8.12
C GLN D 44 -26.48 10.10 -8.98
N VAL D 45 -26.75 9.99 -10.28
CA VAL D 45 -26.41 11.01 -11.26
C VAL D 45 -27.10 10.67 -12.58
N VAL D 46 -27.36 11.71 -13.39
CA VAL D 46 -28.04 11.55 -14.67
C VAL D 46 -27.01 11.43 -15.79
N ILE D 47 -27.24 10.45 -16.69
CA ILE D 47 -26.39 10.22 -17.84
C ILE D 47 -27.27 10.13 -19.08
N ASP D 48 -27.04 11.04 -20.04
CA ASP D 48 -27.83 11.11 -21.26
C ASP D 48 -29.32 11.16 -20.90
N GLY D 49 -29.60 11.88 -19.81
CA GLY D 49 -30.97 12.15 -19.38
C GLY D 49 -31.53 11.06 -18.46
N GLU D 50 -30.72 10.05 -18.16
CA GLU D 50 -31.19 8.91 -17.36
C GLU D 50 -30.62 9.01 -15.95
N THR D 51 -31.53 9.20 -14.98
CA THR D 51 -31.18 9.15 -13.57
C THR D 51 -30.84 7.72 -13.20
N CYS D 52 -29.63 7.53 -12.66
CA CYS D 52 -29.18 6.21 -12.28
C CYS D 52 -28.25 6.29 -11.08
N LEU D 53 -28.24 5.19 -10.30
CA LEU D 53 -27.35 5.06 -9.17
C LEU D 53 -26.18 4.16 -9.55
N LEU D 54 -24.97 4.73 -9.43
CA LEU D 54 -23.73 4.04 -9.72
C LEU D 54 -23.26 3.31 -8.46
N ASP D 55 -22.95 2.02 -8.63
CA ASP D 55 -22.30 1.21 -7.61
C ASP D 55 -20.87 0.94 -8.05
N ILE D 56 -19.94 1.81 -7.63
CA ILE D 56 -18.56 1.75 -8.04
C ILE D 56 -17.77 0.93 -7.02
N LEU D 57 -16.89 0.07 -7.52
CA LEU D 57 -16.01 -0.72 -6.67
C LEU D 57 -14.55 -0.39 -6.98
N ASP D 58 -13.88 0.20 -6.00
CA ASP D 58 -12.48 0.58 -6.08
C ASP D 58 -11.65 -0.59 -5.57
N THR D 59 -11.05 -1.35 -6.50
CA THR D 59 -10.35 -2.58 -6.17
C THR D 59 -8.88 -2.33 -5.83
N ALA D 60 -8.22 -3.37 -5.31
CA ALA D 60 -6.81 -3.34 -4.96
C ALA D 60 -5.96 -3.63 -6.19
N GLY D 61 -4.76 -3.05 -6.22
CA GLY D 61 -3.80 -3.34 -7.27
C GLY D 61 -2.81 -4.42 -6.87
N GLN D 62 -2.63 -4.56 -5.55
CA GLN D 62 -1.65 -5.45 -4.94
C GLN D 62 -2.09 -6.90 -5.09
N GLU D 63 -1.18 -7.74 -5.60
CA GLU D 63 -1.43 -9.16 -5.84
C GLU D 63 -2.09 -9.79 -4.61
N GLU D 64 -1.70 -9.30 -3.43
CA GLU D 64 -2.05 -9.88 -2.15
C GLU D 64 -3.57 -10.15 -2.06
N TYR D 65 -4.35 -9.34 -2.78
CA TYR D 65 -5.80 -9.34 -2.62
C TYR D 65 -6.47 -9.74 -3.93
N SER D 66 -5.71 -10.37 -4.84
CA SER D 66 -6.28 -10.91 -6.05
C SER D 66 -7.15 -12.13 -5.75
N ALA D 67 -7.08 -12.59 -4.49
CA ALA D 67 -7.85 -13.74 -4.03
C ALA D 67 -9.34 -13.39 -4.05
N MET D 68 -9.64 -12.09 -4.19
CA MET D 68 -11.01 -11.61 -4.12
C MET D 68 -11.55 -11.35 -5.53
N ARG D 69 -10.68 -11.52 -6.53
CA ARG D 69 -10.98 -11.15 -7.92
C ARG D 69 -12.18 -11.92 -8.46
N ASP D 70 -12.26 -13.21 -8.12
CA ASP D 70 -13.28 -14.09 -8.66
C ASP D 70 -14.66 -13.66 -8.15
N GLN D 71 -14.70 -13.07 -6.96
CA GLN D 71 -15.95 -12.66 -6.34
C GLN D 71 -16.42 -11.32 -6.93
N TYR D 72 -15.52 -10.33 -6.96
CA TYR D 72 -15.89 -8.98 -7.35
C TYR D 72 -16.16 -8.91 -8.85
N MET D 73 -15.51 -9.81 -9.60
CA MET D 73 -15.68 -9.86 -11.05
C MET D 73 -17.01 -10.52 -11.38
N ARG D 74 -17.42 -11.47 -10.53
CA ARG D 74 -18.70 -12.11 -10.67
C ARG D 74 -19.81 -11.07 -10.56
N THR D 75 -19.78 -10.31 -9.46
CA THR D 75 -20.86 -9.41 -9.07
C THR D 75 -20.94 -8.21 -10.02
N GLY D 76 -19.76 -7.72 -10.48
CA GLY D 76 -19.68 -6.48 -11.23
C GLY D 76 -20.38 -6.56 -12.59
N GLU D 77 -20.91 -5.41 -13.05
CA GLU D 77 -21.59 -5.29 -14.32
C GLU D 77 -20.60 -4.88 -15.41
N GLY D 78 -19.80 -3.84 -15.13
CA GLY D 78 -18.87 -3.25 -16.09
C GLY D 78 -17.51 -2.97 -15.46
N PHE D 79 -16.45 -2.98 -16.28
CA PHE D 79 -15.09 -2.99 -15.75
C PHE D 79 -14.25 -1.89 -16.38
N LEU D 80 -13.68 -1.04 -15.53
CA LEU D 80 -12.83 0.06 -15.94
C LEU D 80 -11.38 -0.35 -15.74
N CYS D 81 -10.70 -0.65 -16.85
CA CYS D 81 -9.34 -1.18 -16.82
C CYS D 81 -8.34 -0.05 -16.96
N VAL D 82 -7.56 0.17 -15.90
CA VAL D 82 -6.73 1.36 -15.76
C VAL D 82 -5.26 0.94 -15.81
N PHE D 83 -4.48 1.74 -16.55
CA PHE D 83 -3.03 1.74 -16.46
C PHE D 83 -2.56 3.18 -16.30
N ALA D 84 -1.30 3.33 -15.90
CA ALA D 84 -0.64 4.62 -15.81
C ALA D 84 0.20 4.83 -17.05
N ILE D 85 0.19 6.05 -17.58
CA ILE D 85 0.87 6.37 -18.83
C ILE D 85 2.38 6.25 -18.64
N ASN D 86 2.84 6.43 -17.39
CA ASN D 86 4.25 6.42 -17.04
C ASN D 86 4.72 4.98 -16.78
N ASN D 87 3.82 4.13 -16.28
CA ASN D 87 4.14 2.74 -16.00
C ASN D 87 3.77 1.88 -17.22
N THR D 88 4.80 1.42 -17.95
CA THR D 88 4.60 0.49 -19.05
C THR D 88 4.10 -0.85 -18.49
N LYS D 89 4.58 -1.22 -17.31
CA LYS D 89 4.25 -2.49 -16.67
C LYS D 89 2.74 -2.57 -16.45
N SER D 90 2.13 -1.46 -16.02
CA SER D 90 0.70 -1.42 -15.76
C SER D 90 -0.08 -1.79 -17.01
N PHE D 91 0.39 -1.28 -18.16
CA PHE D 91 -0.26 -1.47 -19.44
C PHE D 91 -0.26 -2.95 -19.83
N GLU D 92 0.84 -3.63 -19.54
CA GLU D 92 0.97 -5.05 -19.84
C GLU D 92 0.10 -5.85 -18.89
N ASP D 93 -0.20 -5.29 -17.72
CA ASP D 93 -0.95 -5.97 -16.68
C ASP D 93 -2.42 -6.12 -17.06
N ILE D 94 -2.88 -5.24 -17.96
CA ILE D 94 -4.28 -5.18 -18.35
C ILE D 94 -4.68 -6.51 -18.98
N HIS D 95 -3.80 -7.06 -19.82
CA HIS D 95 -3.99 -8.38 -20.41
C HIS D 95 -4.54 -9.33 -19.35
N HIS D 96 -3.79 -9.47 -18.25
CA HIS D 96 -4.09 -10.43 -17.20
C HIS D 96 -5.47 -10.15 -16.60
N TYR D 97 -5.75 -8.86 -16.36
CA TYR D 97 -7.00 -8.47 -15.73
C TYR D 97 -8.18 -8.89 -16.61
N ARG D 98 -8.09 -8.57 -17.91
CA ARG D 98 -9.20 -8.80 -18.82
C ARG D 98 -9.47 -10.30 -18.95
N GLU D 99 -8.41 -11.09 -19.12
CA GLU D 99 -8.58 -12.52 -19.34
C GLU D 99 -9.23 -13.16 -18.11
N GLN D 100 -8.91 -12.63 -16.92
CA GLN D 100 -9.54 -13.10 -15.69
C GLN D 100 -11.03 -12.76 -15.70
N ILE D 101 -11.39 -11.59 -16.25
CA ILE D 101 -12.77 -11.16 -16.33
C ILE D 101 -13.51 -12.02 -17.36
N LYS D 102 -12.82 -12.34 -18.46
CA LYS D 102 -13.38 -13.12 -19.54
C LYS D 102 -13.69 -14.53 -19.04
N ARG D 103 -12.76 -15.10 -18.27
CA ARG D 103 -12.93 -16.45 -17.73
C ARG D 103 -14.07 -16.43 -16.70
N LYS D 105 -17.00 -14.65 -15.93
CA LYS D 105 -18.36 -14.20 -16.39
C LYS D 105 -18.79 -15.08 -17.56
N ASP D 106 -17.80 -15.75 -18.16
CA ASP D 106 -17.98 -16.75 -19.21
C ASP D 106 -18.56 -16.10 -20.46
N SER D 107 -17.78 -15.20 -21.06
CA SER D 107 -18.16 -14.48 -22.26
C SER D 107 -16.92 -13.86 -22.89
N GLU D 108 -16.90 -13.74 -24.22
CA GLU D 108 -15.82 -13.08 -24.93
C GLU D 108 -16.11 -11.58 -25.05
N ASP D 109 -17.38 -11.20 -24.86
CA ASP D 109 -17.78 -9.82 -24.76
C ASP D 109 -18.34 -9.58 -23.37
N VAL D 110 -17.67 -8.73 -22.60
CA VAL D 110 -18.14 -8.22 -21.31
C VAL D 110 -18.08 -6.69 -21.37
N PRO D 111 -19.03 -5.95 -20.76
CA PRO D 111 -19.03 -4.49 -20.86
C PRO D 111 -17.82 -3.90 -20.13
N MET D 112 -16.84 -3.38 -20.89
CA MET D 112 -15.63 -2.83 -20.29
C MET D 112 -15.09 -1.68 -21.14
N VAL D 113 -14.28 -0.84 -20.49
CA VAL D 113 -13.71 0.38 -21.05
C VAL D 113 -12.30 0.52 -20.48
N LEU D 114 -11.31 0.69 -21.37
CA LEU D 114 -9.93 0.91 -20.98
C LEU D 114 -9.74 2.40 -20.73
N VAL D 115 -8.87 2.72 -19.75
CA VAL D 115 -8.59 4.09 -19.33
C VAL D 115 -7.09 4.20 -19.05
N GLY D 116 -6.48 5.30 -19.52
CA GLY D 116 -5.13 5.67 -19.11
C GLY D 116 -5.14 6.93 -18.24
N ASN D 117 -4.83 6.77 -16.95
CA ASN D 117 -5.26 7.73 -15.93
C ASN D 117 -4.29 8.91 -15.81
N LYS D 118 -3.04 8.72 -16.20
CA LYS D 118 -2.07 9.79 -15.94
C LYS D 118 -1.77 10.55 -17.23
N CYS D 119 -2.77 11.30 -17.71
CA CYS D 119 -2.69 12.01 -18.97
C CYS D 119 -1.96 13.35 -18.79
N ASP D 120 -1.71 13.74 -17.53
CA ASP D 120 -1.17 15.06 -17.24
C ASP D 120 0.35 14.98 -17.07
N LEU D 121 0.86 13.78 -16.77
CA LEU D 121 2.28 13.54 -16.57
C LEU D 121 3.04 13.80 -17.88
N PRO D 122 4.21 14.47 -17.84
CA PRO D 122 4.96 14.77 -19.08
C PRO D 122 5.61 13.55 -19.73
N SER D 123 6.00 12.57 -18.89
CA SER D 123 6.89 11.49 -19.27
C SER D 123 6.12 10.24 -19.72
N ARG D 124 5.35 10.38 -20.81
CA ARG D 124 4.56 9.31 -21.38
C ARG D 124 5.46 8.18 -21.87
N THR D 125 5.21 6.95 -21.39
CA THR D 125 6.00 5.81 -21.82
C THR D 125 5.26 4.98 -22.87
N VAL D 126 3.92 5.08 -22.86
CA VAL D 126 3.08 4.42 -23.85
C VAL D 126 2.28 5.49 -24.60
N ASP D 127 2.34 5.43 -25.94
CA ASP D 127 1.63 6.37 -26.80
C ASP D 127 0.15 5.98 -26.90
N THR D 128 -0.68 6.95 -27.29
CA THR D 128 -2.12 6.75 -27.43
C THR D 128 -2.40 5.78 -28.57
N LYS D 129 -1.50 5.80 -29.56
CA LYS D 129 -1.62 4.96 -30.75
C LYS D 129 -1.71 3.49 -30.32
N GLN D 130 -0.71 3.04 -29.55
CA GLN D 130 -0.58 1.65 -29.13
C GLN D 130 -1.69 1.30 -28.14
N ALA D 131 -2.29 2.33 -27.52
CA ALA D 131 -3.35 2.13 -26.57
C ALA D 131 -4.68 1.93 -27.29
N GLN D 132 -4.98 2.82 -28.24
CA GLN D 132 -6.24 2.75 -28.98
C GLN D 132 -6.23 1.54 -29.91
N ASP D 133 -5.04 1.11 -30.29
CA ASP D 133 -4.86 -0.08 -31.12
C ASP D 133 -5.21 -1.33 -30.31
N LEU D 134 -4.87 -1.31 -29.02
CA LEU D 134 -5.23 -2.41 -28.15
C LEU D 134 -6.75 -2.43 -27.97
N ALA D 135 -7.32 -1.25 -27.74
CA ALA D 135 -8.74 -1.09 -27.51
C ALA D 135 -9.54 -1.56 -28.73
N ARG D 136 -8.99 -1.34 -29.92
CA ARG D 136 -9.62 -1.80 -31.15
C ARG D 136 -9.64 -3.31 -31.20
N SER D 137 -8.54 -3.93 -30.74
CA SER D 137 -8.41 -5.38 -30.74
C SER D 137 -9.31 -5.99 -29.67
N TYR D 138 -9.49 -5.26 -28.56
CA TYR D 138 -10.41 -5.67 -27.52
C TYR D 138 -11.83 -5.27 -27.92
N GLY D 139 -11.92 -4.37 -28.91
CA GLY D 139 -13.20 -3.87 -29.40
C GLY D 139 -13.96 -3.10 -28.33
N ILE D 140 -13.21 -2.37 -27.50
CA ILE D 140 -13.78 -1.57 -26.42
C ILE D 140 -13.30 -0.12 -26.59
N PRO D 141 -13.91 0.87 -25.91
CA PRO D 141 -13.43 2.24 -25.98
C PRO D 141 -12.08 2.42 -25.31
N PHE D 142 -11.50 3.62 -25.46
CA PHE D 142 -10.29 4.00 -24.75
C PHE D 142 -10.34 5.50 -24.46
N ILE D 143 -10.26 5.85 -23.18
CA ILE D 143 -10.25 7.25 -22.75
C ILE D 143 -8.98 7.49 -21.93
N GLU D 144 -8.25 8.56 -22.28
CA GLU D 144 -7.17 9.07 -21.45
C GLU D 144 -7.77 10.05 -20.44
N THR D 145 -7.67 9.71 -19.15
CA THR D 145 -8.27 10.46 -18.05
C THR D 145 -7.16 11.17 -17.28
N SER D 146 -7.51 11.92 -16.21
CA SER D 146 -6.53 12.46 -15.27
C SER D 146 -7.20 12.85 -13.95
N ALA D 147 -6.93 12.09 -12.88
CA ALA D 147 -7.59 12.27 -11.60
C ALA D 147 -7.22 13.63 -11.00
N LYS D 148 -6.06 14.16 -11.43
CA LYS D 148 -5.49 15.38 -10.88
C LYS D 148 -6.26 16.59 -11.42
N THR D 149 -6.38 16.65 -12.75
CA THR D 149 -6.99 17.79 -13.43
C THR D 149 -8.49 17.54 -13.64
N ARG D 150 -8.91 16.30 -13.39
CA ARG D 150 -10.29 15.85 -13.55
C ARG D 150 -10.65 15.68 -15.02
N GLN D 151 -9.67 15.86 -15.91
CA GLN D 151 -9.89 15.69 -17.33
C GLN D 151 -10.34 14.26 -17.59
N GLY D 152 -11.53 14.11 -18.18
CA GLY D 152 -11.97 12.83 -18.72
C GLY D 152 -12.59 11.89 -17.69
N VAL D 153 -12.60 12.28 -16.41
CA VAL D 153 -13.12 11.42 -15.36
C VAL D 153 -14.59 11.13 -15.65
N ASP D 154 -15.39 12.20 -15.85
CA ASP D 154 -16.80 12.05 -16.16
C ASP D 154 -16.94 11.23 -17.44
N ASP D 155 -16.20 11.63 -18.47
CA ASP D 155 -16.26 10.99 -19.77
C ASP D 155 -16.07 9.48 -19.62
N ALA D 156 -15.04 9.10 -18.87
CA ALA D 156 -14.62 7.71 -18.74
C ALA D 156 -15.71 6.88 -18.08
N PHE D 157 -16.17 7.33 -16.91
CA PHE D 157 -17.19 6.61 -16.17
C PHE D 157 -18.46 6.47 -17.01
N TYR D 158 -18.92 7.59 -17.58
CA TYR D 158 -20.16 7.63 -18.34
C TYR D 158 -20.08 6.67 -19.53
N THR D 159 -18.92 6.60 -20.17
CA THR D 159 -18.71 5.74 -21.32
C THR D 159 -18.97 4.28 -20.92
N LEU D 160 -18.46 3.88 -19.75
CA LEU D 160 -18.68 2.51 -19.28
C LEU D 160 -20.16 2.26 -19.10
N VAL D 161 -20.88 3.26 -18.57
CA VAL D 161 -22.33 3.18 -18.43
C VAL D 161 -22.95 2.96 -19.81
N ARG D 162 -22.52 3.77 -20.79
CA ARG D 162 -23.02 3.68 -22.16
C ARG D 162 -22.76 2.28 -22.70
N GLU D 163 -21.59 1.73 -22.40
CA GLU D 163 -21.21 0.39 -22.82
C GLU D 163 -22.11 -0.65 -22.17
N ILE D 164 -22.51 -0.41 -20.92
CA ILE D 164 -23.35 -1.33 -20.19
C ILE D 164 -24.73 -1.43 -20.84
N ARG D 165 -25.40 -0.27 -20.99
CA ARG D 165 -26.75 -0.26 -21.55
C ARG D 165 -26.71 -0.79 -22.99
N LYS D 166 -25.58 -0.59 -23.66
CA LYS D 166 -25.38 -1.07 -25.01
C LYS D 166 -25.40 -2.60 -25.05
N HIS D 167 -24.93 -3.24 -23.97
CA HIS D 167 -24.48 -4.62 -24.06
C HIS D 167 -25.61 -5.64 -24.21
N LYS D 168 -26.75 -5.40 -23.56
CA LYS D 168 -27.89 -6.32 -23.65
C LYS D 168 -28.13 -6.73 -25.11
MG MG E . 8.17 1.01 -0.31
PG GNP F . 5.88 2.44 1.51
O1G GNP F . 5.64 3.10 2.85
O2G GNP F . 4.62 1.69 1.15
O3G GNP F . 7.01 1.45 1.65
N3B GNP F . 6.32 3.58 0.43
PB GNP F . 7.86 4.10 0.26
O1B GNP F . 8.12 5.43 0.90
O2B GNP F . 8.80 2.96 0.56
O3A GNP F . 8.00 4.39 -1.30
PA GNP F . 8.81 3.55 -2.38
O1A GNP F . 10.24 3.50 -1.98
O2A GNP F . 8.08 2.26 -2.57
O5' GNP F . 8.65 4.49 -3.67
C5' GNP F . 7.34 4.95 -4.08
C4' GNP F . 7.31 5.18 -5.57
O4' GNP F . 8.04 6.39 -5.89
C3' GNP F . 7.95 4.11 -6.45
O3' GNP F . 7.33 4.09 -7.73
C2' GNP F . 9.40 4.60 -6.59
O2' GNP F . 10.03 4.12 -7.76
C1' GNP F . 9.18 6.10 -6.66
N9 GNP F . 10.29 6.89 -6.14
C8 GNP F . 10.85 6.79 -4.89
N7 GNP F . 11.81 7.66 -4.68
C5 GNP F . 11.88 8.38 -5.87
C6 GNP F . 12.74 9.45 -6.23
O6 GNP F . 13.61 10.00 -5.55
N1 GNP F . 12.47 9.91 -7.52
C2 GNP F . 11.51 9.37 -8.36
N2 GNP F . 11.41 9.93 -9.57
N3 GNP F . 10.71 8.38 -8.03
C4 GNP F . 10.94 7.92 -6.77
HNB3 GNP F . 5.75 3.79 -0.18
H5'2 GNP F . 7.13 5.78 -3.62
H5'1 GNP F . 6.67 4.28 -3.84
H4' GNP F . 6.39 5.28 -5.83
H3' GNP F . 7.90 3.22 -6.03
HO3' GNP F . 7.88 3.80 -8.31
H2' GNP F . 9.92 4.34 -5.81
HO2' GNP F . 10.53 3.46 -7.57
H1' GNP F . 9.03 6.35 -7.59
H8 GNP F . 10.57 6.17 -4.25
HN1 GNP F . 12.95 10.55 -7.83
HN21 GNP F . 11.99 10.53 -9.83
HN22 GNP F . 10.77 9.71 -10.10
MG MG G . -5.72 2.64 -3.93
PG GNP H . -3.93 0.73 -5.39
O1G GNP H . -3.79 -0.44 -6.32
O2G GNP H . -3.06 0.47 -4.17
O3G GNP H . -5.39 0.89 -4.98
N3B GNP H . -3.40 2.08 -6.12
PB GNP H . -4.38 3.01 -7.01
O1B GNP H . -4.46 2.62 -8.46
O2B GNP H . -5.66 3.22 -6.26
O3A GNP H . -3.68 4.45 -6.92
PA GNP H . -4.25 5.72 -6.14
O1A GNP H . -5.51 6.13 -6.83
O2A GNP H . -4.32 5.41 -4.68
O5' GNP H . -3.12 6.81 -6.43
C5' GNP H . -1.71 6.45 -6.52
C4' GNP H . -0.89 7.71 -6.49
O4' GNP H . -0.85 8.26 -7.83
C3' GNP H . -1.44 8.84 -5.60
O3' GNP H . -0.44 9.63 -4.99
C2' GNP H . -2.25 9.70 -6.58
O2' GNP H . -2.32 11.03 -6.14
C1' GNP H . -1.43 9.55 -7.87
N9 GNP H . -2.22 9.68 -9.09
C8 GNP H . -3.29 8.89 -9.46
N7 GNP H . -3.81 9.25 -10.61
C5 GNP H . -3.04 10.33 -11.02
C6 GNP H . -3.15 11.12 -12.19
O6 GNP H . -3.95 11.04 -13.12
N1 GNP H . -2.17 12.12 -12.20
C2 GNP H . -1.22 12.32 -11.24
N2 GNP H . -0.36 13.34 -11.43
N3 GNP H . -1.12 11.57 -10.13
C4 GNP H . -2.06 10.60 -10.09
HNB3 GNP H . -2.59 2.33 -5.99
H5'2 GNP H . -1.55 5.96 -7.34
H5'1 GNP H . -1.48 5.89 -5.76
H4' GNP H . 0.00 7.48 -6.19
H3' GNP H . -2.01 8.47 -4.91
HO3' GNP H . -0.80 10.13 -4.39
H2' GNP H . -3.14 9.34 -6.70
HO2' GNP H . -2.81 11.07 -5.45
H1' GNP H . -0.74 10.23 -7.87
H8 GNP H . -3.61 8.18 -8.94
HN1 GNP H . -2.15 12.65 -12.88
HN21 GNP H . -0.36 13.76 -12.17
HN22 GNP H . 0.19 13.55 -10.80
#